data_1FQG
#
_entry.id   1FQG
#
_cell.length_a   62.2
_cell.length_b   88.3
_cell.length_c   41.6
_cell.angle_alpha   90
_cell.angle_beta   90
_cell.angle_gamma   90
#
_symmetry.space_group_name_H-M   'P 21 21 21'
#
loop_
_entity.id
_entity.type
_entity.pdbx_description
1 polymer 'TEM-1 BETA-LACTAMASE'
2 non-polymer 'OPEN FORM - PENICILLIN G'
3 water water
#
_entity_poly.entity_id   1
_entity_poly.type   'polypeptide(L)'
_entity_poly.pdbx_seq_one_letter_code
;HPETLVKVKDAEDQLGARVGYIELDLNSGKILESFRPEERFPMMSTFKVLLCGAVLSRVDAGQEQLGRRIHYSQNDLVEY
SPVTEKHLTDGMTVRELCSAAITMSDNTAANLLLTTIGGPKELTAFLHNMGDHVTRLDRWNPELNEAIPNDERDTTMPAA
MATTLRKLLTGELLTLASRQQLIDWMEADKVAGPLLRSALPAGWFIADKSGAGERGSRGIIAALGPDGKPSRIVVIYTTG
SQATMDERNRQIAEIGASLIKHW
;
_entity_poly.pdbx_strand_id   A
#
loop_
_chem_comp.id
_chem_comp.type
_chem_comp.name
_chem_comp.formula
PNM non-polymer 'OPEN FORM - PENICILLIN G' 'C16 H20 N2 O4 S'
#
# COMPACT_ATOMS: atom_id res chain seq x y z
N HIS A 1 -19.28 -2.21 11.15
CA HIS A 1 -20.21 -1.41 11.92
C HIS A 1 -20.54 -0.12 11.19
N PRO A 2 -21.83 0.18 11.05
CA PRO A 2 -22.26 1.37 10.36
C PRO A 2 -21.78 2.64 11.03
N GLU A 3 -21.43 2.58 12.32
CA GLU A 3 -20.97 3.81 12.93
C GLU A 3 -19.70 4.26 12.20
N THR A 4 -18.96 3.28 11.70
CA THR A 4 -17.76 3.63 11.00
C THR A 4 -18.09 4.33 9.71
N LEU A 5 -19.14 3.85 9.03
CA LEU A 5 -19.56 4.46 7.78
C LEU A 5 -19.99 5.90 8.01
N VAL A 6 -20.50 6.19 9.20
CA VAL A 6 -20.87 7.56 9.53
C VAL A 6 -19.61 8.42 9.43
N LYS A 7 -18.52 7.92 10.01
CA LYS A 7 -17.25 8.63 9.96
C LYS A 7 -16.69 8.76 8.56
N VAL A 8 -16.83 7.71 7.76
CA VAL A 8 -16.37 7.75 6.39
C VAL A 8 -17.10 8.84 5.63
N LYS A 9 -18.43 8.88 5.79
CA LYS A 9 -19.20 9.91 5.14
C LYS A 9 -18.79 11.29 5.62
N ASP A 10 -18.56 11.42 6.92
CA ASP A 10 -18.14 12.69 7.49
C ASP A 10 -16.83 13.13 6.85
N ALA A 11 -15.91 12.18 6.70
CA ALA A 11 -14.64 12.45 6.05
C ALA A 11 -14.87 13.01 4.65
N GLU A 12 -15.81 12.38 3.92
CA GLU A 12 -16.14 12.86 2.57
C GLU A 12 -16.57 14.31 2.62
N ASP A 13 -17.39 14.63 3.63
CA ASP A 13 -17.88 15.98 3.83
C ASP A 13 -16.74 16.95 4.11
N GLN A 14 -15.92 16.60 5.10
CA GLN A 14 -14.79 17.42 5.51
C GLN A 14 -13.76 17.64 4.41
N LEU A 15 -13.52 16.60 3.62
CA LEU A 15 -12.51 16.67 2.60
C LEU A 15 -13.04 17.18 1.28
N GLY A 16 -14.36 17.12 1.16
CA GLY A 16 -14.98 17.51 -0.08
C GLY A 16 -14.49 16.61 -1.20
N ALA A 17 -14.30 15.33 -0.88
CA ALA A 17 -13.80 14.41 -1.87
C ALA A 17 -14.34 13.02 -1.63
N ARG A 18 -14.09 12.14 -2.60
CA ARG A 18 -14.49 10.75 -2.49
C ARG A 18 -13.56 10.01 -1.55
N VAL A 19 -14.13 9.16 -0.70
CA VAL A 19 -13.36 8.32 0.17
C VAL A 19 -13.79 6.89 -0.09
N GLY A 20 -12.83 6.02 -0.38
CA GLY A 20 -13.11 4.61 -0.64
C GLY A 20 -12.65 3.83 0.59
N TYR A 21 -13.51 2.94 1.06
CA TYR A 21 -13.19 2.25 2.28
C TYR A 21 -13.67 0.82 2.27
N ILE A 22 -12.87 -0.04 2.87
CA ILE A 22 -13.22 -1.43 3.01
C ILE A 22 -12.56 -2.06 4.24
N GLU A 23 -13.37 -2.86 4.92
CA GLU A 23 -12.99 -3.61 6.10
C GLU A 23 -13.25 -5.07 5.79
N LEU A 24 -12.16 -5.84 5.76
CA LEU A 24 -12.22 -7.22 5.35
C LEU A 24 -11.73 -8.19 6.41
N ASP A 25 -12.46 -9.29 6.56
CA ASP A 25 -12.06 -10.31 7.51
C ASP A 25 -10.90 -11.08 6.92
N LEU A 26 -9.78 -11.06 7.63
CA LEU A 26 -8.57 -11.70 7.14
C LEU A 26 -8.74 -13.19 6.88
N ASN A 27 -9.32 -13.86 7.86
CA ASN A 27 -9.51 -15.28 7.78
C ASN A 27 -10.48 -15.74 6.70
N SER A 28 -11.70 -15.27 6.79
CA SER A 28 -12.77 -15.68 5.89
C SER A 28 -12.84 -14.94 4.57
N GLY A 29 -12.30 -13.72 4.51
CA GLY A 29 -12.36 -12.94 3.31
C GLY A 29 -13.68 -12.14 3.20
N LYS A 30 -14.51 -12.26 4.23
CA LYS A 30 -15.79 -11.56 4.27
C LYS A 30 -15.65 -10.04 4.33
N ILE A 31 -16.40 -9.33 3.50
CA ILE A 31 -16.40 -7.90 3.53
C ILE A 31 -17.25 -7.49 4.71
N LEU A 32 -16.66 -6.80 5.67
CA LEU A 32 -17.40 -6.42 6.86
C LEU A 32 -18.14 -5.10 6.71
N GLU A 33 -17.51 -4.18 6.02
CA GLU A 33 -18.06 -2.86 5.79
C GLU A 33 -17.39 -2.28 4.57
N SER A 34 -18.11 -1.48 3.82
CA SER A 34 -17.53 -0.87 2.66
C SER A 34 -18.21 0.45 2.33
N PHE A 35 -17.51 1.30 1.60
CA PHE A 35 -17.97 2.58 1.10
C PHE A 35 -17.24 2.79 -0.21
N ARG A 36 -17.97 2.80 -1.32
CA ARG A 36 -17.36 2.93 -2.63
C ARG A 36 -16.33 1.82 -2.88
N PRO A 37 -16.67 0.58 -2.53
CA PRO A 37 -15.74 -0.53 -2.68
C PRO A 37 -15.26 -0.77 -4.09
N GLU A 38 -16.08 -0.42 -5.07
CA GLU A 38 -15.75 -0.69 -6.45
C GLU A 38 -15.56 0.52 -7.34
N GLU A 39 -15.10 1.60 -6.73
CA GLU A 39 -14.75 2.79 -7.48
C GLU A 39 -13.24 2.81 -7.55
N ARG A 40 -12.69 3.38 -8.61
CA ARG A 40 -11.25 3.42 -8.73
C ARG A 40 -10.63 4.58 -8.00
N PHE A 41 -9.45 4.31 -7.45
CA PHE A 41 -8.65 5.29 -6.76
C PHE A 41 -7.20 5.03 -7.13
N PRO A 42 -6.42 6.09 -7.23
CA PRO A 42 -5.01 5.93 -7.49
C PRO A 42 -4.38 5.21 -6.32
N MET A 43 -3.55 4.23 -6.63
CA MET A 43 -2.88 3.46 -5.63
C MET A 43 -1.77 4.23 -4.92
N MET A 44 -1.12 5.12 -5.66
CA MET A 44 0.02 5.83 -5.12
C MET A 44 1.04 4.81 -4.61
N SER A 45 1.78 5.17 -3.56
CA SER A 45 2.79 4.31 -2.96
C SER A 45 2.28 2.97 -2.42
N THR A 46 0.96 2.77 -2.31
CA THR A 46 0.48 1.50 -1.81
C THR A 46 0.83 0.36 -2.76
N PHE A 47 1.13 0.71 -4.00
CA PHE A 47 1.51 -0.29 -4.98
C PHE A 47 2.79 -1.02 -4.57
N LYS A 48 3.61 -0.37 -3.76
CA LYS A 48 4.90 -0.93 -3.33
C LYS A 48 4.80 -2.28 -2.65
N VAL A 49 3.70 -2.47 -1.95
CA VAL A 49 3.49 -3.74 -1.32
C VAL A 49 3.31 -4.83 -2.36
N LEU A 50 2.55 -4.56 -3.41
CA LEU A 50 2.32 -5.52 -4.47
C LEU A 50 3.61 -5.82 -5.22
N LEU A 51 4.37 -4.76 -5.45
CA LEU A 51 5.66 -4.83 -6.12
C LEU A 51 6.58 -5.78 -5.38
N CYS A 52 6.70 -5.57 -4.07
CA CYS A 52 7.53 -6.45 -3.29
C CYS A 52 7.01 -7.87 -3.18
N GLY A 53 5.69 -8.02 -3.33
CA GLY A 53 5.08 -9.34 -3.38
C GLY A 53 5.54 -10.06 -4.65
N ALA A 54 5.56 -9.34 -5.76
CA ALA A 54 6.01 -9.91 -7.02
C ALA A 54 7.48 -10.26 -6.91
N VAL A 55 8.24 -9.38 -6.29
CA VAL A 55 9.65 -9.67 -6.12
C VAL A 55 9.82 -10.96 -5.34
N LEU A 56 9.10 -11.06 -4.24
CA LEU A 56 9.20 -12.23 -3.42
C LEU A 56 8.78 -13.47 -4.18
N SER A 57 7.79 -13.33 -5.05
CA SER A 57 7.40 -14.51 -5.80
C SER A 57 8.54 -15.01 -6.67
N ARG A 58 9.31 -14.07 -7.23
CA ARG A 58 10.46 -14.44 -8.06
C ARG A 58 11.54 -15.10 -7.22
N VAL A 59 11.73 -14.58 -6.02
CA VAL A 59 12.71 -15.14 -5.12
C VAL A 59 12.32 -16.59 -4.83
N ASP A 60 11.04 -16.81 -4.56
CA ASP A 60 10.54 -18.14 -4.29
C ASP A 60 10.80 -19.08 -5.47
N ALA A 61 10.61 -18.55 -6.66
CA ALA A 61 10.77 -19.28 -7.91
C ALA A 61 12.22 -19.44 -8.36
N GLY A 62 13.13 -18.79 -7.63
CA GLY A 62 14.56 -18.87 -7.94
C GLY A 62 15.03 -17.89 -9.00
N GLN A 63 14.14 -17.04 -9.51
CA GLN A 63 14.49 -16.07 -10.54
C GLN A 63 15.06 -14.77 -9.99
N GLU A 64 15.12 -14.65 -8.67
CA GLU A 64 15.64 -13.46 -8.03
C GLU A 64 16.25 -13.85 -6.71
N GLN A 65 17.16 -13.01 -6.24
CA GLN A 65 17.81 -13.21 -4.95
C GLN A 65 17.69 -11.98 -4.09
N LEU A 66 17.30 -12.15 -2.84
CA LEU A 66 17.18 -11.01 -1.97
C LEU A 66 18.52 -10.33 -1.78
N GLY A 67 19.58 -11.13 -1.77
CA GLY A 67 20.90 -10.60 -1.57
C GLY A 67 21.51 -10.00 -2.81
N ARG A 68 20.86 -10.12 -3.96
CA ARG A 68 21.44 -9.54 -5.16
C ARG A 68 21.59 -8.03 -5.07
N ARG A 69 22.79 -7.54 -5.39
CA ARG A 69 23.05 -6.10 -5.32
C ARG A 69 22.68 -5.35 -6.58
N ILE A 70 22.03 -4.21 -6.39
CA ILE A 70 21.63 -3.38 -7.49
C ILE A 70 22.39 -2.07 -7.43
N HIS A 71 22.93 -1.69 -8.58
CA HIS A 71 23.64 -0.44 -8.68
C HIS A 71 22.81 0.56 -9.45
N TYR A 72 22.87 1.80 -9.03
CA TYR A 72 22.12 2.85 -9.69
C TYR A 72 22.95 4.09 -9.60
N SER A 73 22.50 5.16 -10.23
CA SER A 73 23.28 6.39 -10.17
C SER A 73 22.38 7.59 -9.90
N GLN A 74 23.00 8.75 -9.74
CA GLN A 74 22.26 9.97 -9.48
C GLN A 74 21.13 10.11 -10.49
N ASN A 75 21.40 9.60 -11.68
CA ASN A 75 20.44 9.68 -12.76
C ASN A 75 19.10 8.99 -12.49
N ASP A 76 19.14 7.95 -11.65
CA ASP A 76 17.93 7.22 -11.31
C ASP A 76 17.14 7.85 -10.20
N LEU A 77 17.75 8.74 -9.45
CA LEU A 77 17.09 9.34 -8.32
C LEU A 77 15.86 10.15 -8.68
N VAL A 78 14.75 9.86 -8.04
CA VAL A 78 13.55 10.64 -8.24
C VAL A 78 13.19 11.32 -6.93
N GLU A 79 12.19 12.19 -6.98
CA GLU A 79 11.79 12.89 -5.79
C GLU A 79 11.47 11.94 -4.66
N TYR A 80 11.93 12.31 -3.48
CA TYR A 80 11.67 11.55 -2.29
C TYR A 80 12.28 10.15 -2.27
N SER A 81 13.60 10.12 -2.04
CA SER A 81 14.36 8.90 -1.98
C SER A 81 15.35 8.96 -0.84
N PRO A 82 14.80 9.03 0.37
CA PRO A 82 15.59 9.18 1.57
C PRO A 82 16.63 8.10 1.80
N VAL A 83 16.36 6.88 1.35
CA VAL A 83 17.30 5.79 1.57
C VAL A 83 18.26 5.60 0.42
N THR A 84 17.71 5.53 -0.79
CA THR A 84 18.52 5.32 -1.99
C THR A 84 19.52 6.44 -2.23
N GLU A 85 19.16 7.64 -1.82
CA GLU A 85 20.04 8.78 -2.01
C GLU A 85 21.37 8.62 -1.28
N LYS A 86 21.30 8.00 -0.09
CA LYS A 86 22.45 7.79 0.77
C LYS A 86 23.31 6.57 0.42
N HIS A 87 22.93 5.81 -0.62
CA HIS A 87 23.66 4.61 -0.99
C HIS A 87 24.12 4.56 -2.44
N LEU A 88 24.13 5.72 -3.12
CA LEU A 88 24.54 5.84 -4.52
C LEU A 88 25.84 5.11 -4.83
N THR A 89 26.76 5.17 -3.88
CA THR A 89 28.09 4.62 -4.03
C THR A 89 28.19 3.12 -4.07
N ASP A 90 27.64 2.48 -3.04
CA ASP A 90 27.74 1.04 -2.93
C ASP A 90 26.57 0.25 -3.47
N GLY A 91 25.48 0.94 -3.79
CA GLY A 91 24.32 0.23 -4.27
C GLY A 91 23.53 -0.36 -3.11
N MET A 92 22.52 -1.16 -3.41
CA MET A 92 21.69 -1.76 -2.39
C MET A 92 21.15 -3.09 -2.86
N THR A 93 20.94 -4.01 -1.94
CA THR A 93 20.40 -5.29 -2.29
C THR A 93 18.89 -5.22 -2.50
N VAL A 94 18.38 -6.22 -3.20
CA VAL A 94 16.96 -6.34 -3.46
C VAL A 94 16.19 -6.23 -2.14
N ARG A 95 16.66 -6.96 -1.14
CA ARG A 95 16.06 -6.96 0.16
C ARG A 95 16.01 -5.54 0.72
N GLU A 96 17.13 -4.84 0.62
CA GLU A 96 17.21 -3.48 1.12
C GLU A 96 16.30 -2.53 0.36
N LEU A 97 16.16 -2.77 -0.93
CA LEU A 97 15.30 -1.94 -1.76
C LEU A 97 13.84 -2.13 -1.37
N CYS A 98 13.43 -3.38 -1.15
CA CYS A 98 12.07 -3.61 -0.73
C CYS A 98 11.83 -3.01 0.65
N SER A 99 12.83 -3.11 1.50
CA SER A 99 12.71 -2.53 2.81
C SER A 99 12.50 -1.02 2.73
N ALA A 100 13.28 -0.38 1.87
CA ALA A 100 13.22 1.05 1.70
C ALA A 100 11.92 1.47 1.05
N ALA A 101 11.49 0.67 0.08
CA ALA A 101 10.26 1.00 -0.61
C ALA A 101 9.06 0.93 0.33
N ILE A 102 9.02 -0.10 1.15
CA ILE A 102 7.91 -0.29 2.06
C ILE A 102 7.94 0.56 3.32
N THR A 103 9.05 0.50 4.05
CA THR A 103 9.19 1.20 5.32
C THR A 103 9.41 2.70 5.23
N MET A 104 10.06 3.16 4.16
CA MET A 104 10.31 4.58 4.01
C MET A 104 9.62 5.16 2.80
N SER A 105 8.96 4.32 2.00
CA SER A 105 8.32 4.80 0.81
C SER A 105 9.32 5.47 -0.13
N ASP A 106 10.53 4.92 -0.19
CA ASP A 106 11.57 5.41 -1.09
C ASP A 106 11.13 5.18 -2.54
N ASN A 107 10.94 6.28 -3.27
CA ASN A 107 10.44 6.23 -4.63
C ASN A 107 11.42 5.62 -5.63
N THR A 108 12.69 5.90 -5.40
CA THR A 108 13.69 5.36 -6.30
C THR A 108 13.81 3.87 -6.11
N ALA A 109 13.79 3.43 -4.86
CA ALA A 109 13.84 2.01 -4.58
C ALA A 109 12.76 1.31 -5.38
N ALA A 110 11.55 1.88 -5.34
CA ALA A 110 10.44 1.27 -6.05
C ALA A 110 10.70 1.19 -7.55
N ASN A 111 11.21 2.28 -8.10
CA ASN A 111 11.50 2.32 -9.53
C ASN A 111 12.52 1.26 -9.94
N LEU A 112 13.55 1.12 -9.12
CA LEU A 112 14.61 0.17 -9.39
C LEU A 112 14.03 -1.22 -9.39
N LEU A 113 13.19 -1.48 -8.38
CA LEU A 113 12.55 -2.79 -8.29
C LEU A 113 11.61 -3.02 -9.45
N LEU A 114 10.86 -1.99 -9.83
CA LEU A 114 9.92 -2.12 -10.94
C LEU A 114 10.68 -2.57 -12.18
N THR A 115 11.79 -1.90 -12.44
CA THR A 115 12.58 -2.23 -13.60
C THR A 115 13.02 -3.66 -13.53
N THR A 116 13.49 -4.01 -12.35
CA THR A 116 14.00 -5.32 -12.07
C THR A 116 13.03 -6.44 -12.42
N ILE A 117 11.74 -6.21 -12.23
CA ILE A 117 10.76 -7.24 -12.54
C ILE A 117 10.18 -7.12 -13.94
N GLY A 118 10.59 -6.13 -14.71
CA GLY A 118 10.03 -6.05 -16.04
C GLY A 118 9.07 -4.90 -16.27
N GLY A 119 8.92 -4.02 -15.29
CA GLY A 119 8.09 -2.85 -15.50
C GLY A 119 6.65 -3.06 -15.07
N PRO A 120 5.90 -1.96 -15.12
CA PRO A 120 4.50 -1.94 -14.73
C PRO A 120 3.64 -3.01 -15.39
N LYS A 121 3.92 -3.30 -16.66
CA LYS A 121 3.17 -4.29 -17.39
C LYS A 121 3.28 -5.68 -16.75
N GLU A 122 4.47 -5.98 -16.22
CA GLU A 122 4.73 -7.25 -15.56
C GLU A 122 4.08 -7.32 -14.18
N LEU A 123 4.15 -6.24 -13.45
CA LEU A 123 3.50 -6.23 -12.15
C LEU A 123 2.01 -6.46 -12.38
N THR A 124 1.48 -5.77 -13.40
CA THR A 124 0.08 -5.91 -13.73
C THR A 124 -0.24 -7.34 -14.12
N ALA A 125 0.65 -7.94 -14.90
CA ALA A 125 0.44 -9.31 -15.35
C ALA A 125 0.44 -10.25 -14.15
N PHE A 126 1.29 -9.91 -13.20
CA PHE A 126 1.41 -10.66 -11.97
C PHE A 126 0.11 -10.63 -11.17
N LEU A 127 -0.48 -9.45 -11.07
CA LEU A 127 -1.74 -9.28 -10.36
C LEU A 127 -2.86 -10.05 -11.06
N HIS A 128 -2.92 -9.89 -12.37
CA HIS A 128 -3.94 -10.57 -13.14
C HIS A 128 -3.91 -12.07 -12.87
N ASN A 129 -2.69 -12.59 -12.81
CA ASN A 129 -2.46 -13.99 -12.60
C ASN A 129 -2.96 -14.48 -11.25
N MET A 130 -2.96 -13.60 -10.26
CA MET A 130 -3.44 -13.97 -8.95
C MET A 130 -4.92 -13.69 -8.74
N GLY A 131 -5.62 -13.39 -9.83
CA GLY A 131 -7.04 -13.18 -9.75
C GLY A 131 -7.47 -11.73 -9.61
N ASP A 132 -6.52 -10.82 -9.61
CA ASP A 132 -6.85 -9.42 -9.54
C ASP A 132 -6.89 -8.83 -10.94
N HIS A 133 -8.10 -8.72 -11.49
CA HIS A 133 -8.27 -8.19 -12.82
C HIS A 133 -8.63 -6.71 -12.81
N VAL A 134 -8.41 -6.07 -11.68
CA VAL A 134 -8.79 -4.68 -11.56
C VAL A 134 -7.59 -3.77 -11.40
N THR A 135 -6.76 -4.15 -10.44
CA THR A 135 -5.58 -3.37 -10.12
C THR A 135 -4.60 -3.28 -11.29
N ARG A 136 -4.13 -2.08 -11.58
CA ARG A 136 -3.21 -1.94 -12.68
C ARG A 136 -2.14 -0.90 -12.42
N LEU A 137 -0.91 -1.24 -12.77
CA LEU A 137 0.19 -0.31 -12.69
C LEU A 137 0.58 -0.02 -14.12
N ASP A 138 0.71 1.25 -14.45
CA ASP A 138 1.00 1.67 -15.81
C ASP A 138 2.24 2.51 -15.95
N ARG A 139 2.61 3.18 -14.88
CA ARG A 139 3.74 4.08 -14.91
C ARG A 139 4.67 3.87 -13.75
N TRP A 140 5.78 4.62 -13.79
CA TRP A 140 6.79 4.60 -12.76
C TRP A 140 6.62 5.84 -11.93
N ASN A 141 7.40 5.98 -10.87
CA ASN A 141 7.38 7.17 -10.06
C ASN A 141 8.19 8.19 -10.83
N PRO A 142 7.80 9.45 -10.82
CA PRO A 142 6.68 9.95 -10.03
C PRO A 142 5.34 10.01 -10.74
N GLU A 143 5.35 9.80 -12.06
CA GLU A 143 4.12 9.90 -12.83
C GLU A 143 2.92 9.13 -12.28
N LEU A 144 3.18 7.99 -11.68
CA LEU A 144 2.07 7.19 -11.19
C LEU A 144 1.21 7.86 -10.13
N ASN A 145 1.70 8.96 -9.58
CA ASN A 145 0.97 9.69 -8.56
C ASN A 145 0.14 10.86 -9.09
N GLU A 146 0.06 11.00 -10.41
CA GLU A 146 -0.65 12.10 -11.05
C GLU A 146 -2.11 12.21 -10.64
N ALA A 147 -2.77 11.07 -10.48
CA ALA A 147 -4.16 11.08 -10.03
C ALA A 147 -5.10 11.89 -10.88
N ILE A 148 -4.95 11.83 -12.19
CA ILE A 148 -5.85 12.57 -13.05
C ILE A 148 -7.27 12.05 -12.85
N PRO A 149 -8.21 12.95 -12.63
CA PRO A 149 -9.57 12.53 -12.46
C PRO A 149 -10.01 11.61 -13.59
N ASN A 150 -10.69 10.54 -13.22
CA ASN A 150 -11.21 9.57 -14.16
C ASN A 150 -10.16 8.74 -14.88
N ASP A 151 -8.89 8.97 -14.59
CA ASP A 151 -7.85 8.18 -15.23
C ASP A 151 -7.78 6.80 -14.59
N GLU A 152 -7.80 5.75 -15.40
CA GLU A 152 -7.72 4.42 -14.82
C GLU A 152 -6.30 3.93 -14.58
N ARG A 153 -5.33 4.64 -15.11
CA ARG A 153 -3.96 4.24 -14.94
C ARG A 153 -3.56 4.23 -13.47
N ASP A 154 -2.78 3.22 -13.08
CA ASP A 154 -2.24 3.15 -11.75
C ASP A 154 -3.31 3.20 -10.68
N THR A 155 -4.42 2.50 -10.93
CA THR A 155 -5.48 2.51 -9.97
C THR A 155 -5.82 1.13 -9.51
N THR A 156 -6.61 1.11 -8.45
CA THR A 156 -7.19 -0.09 -7.90
C THR A 156 -8.55 0.29 -7.39
N MET A 157 -9.21 -0.71 -6.83
CA MET A 157 -10.48 -0.53 -6.17
C MET A 157 -10.28 -1.01 -4.75
N PRO A 158 -10.94 -0.36 -3.81
CA PRO A 158 -10.77 -0.81 -2.45
C PRO A 158 -11.02 -2.30 -2.28
N ALA A 159 -12.08 -2.83 -2.87
CA ALA A 159 -12.36 -4.26 -2.74
C ALA A 159 -11.30 -5.13 -3.39
N ALA A 160 -10.78 -4.66 -4.53
CA ALA A 160 -9.74 -5.41 -5.23
C ALA A 160 -8.46 -5.43 -4.42
N MET A 161 -8.02 -4.27 -3.98
CA MET A 161 -6.80 -4.18 -3.21
C MET A 161 -6.88 -5.00 -1.92
N ALA A 162 -8.04 -4.94 -1.25
CA ALA A 162 -8.22 -5.68 0.00
C ALA A 162 -8.06 -7.16 -0.25
N THR A 163 -8.73 -7.62 -1.29
CA THR A 163 -8.72 -9.01 -1.66
C THR A 163 -7.33 -9.51 -2.06
N THR A 164 -6.64 -8.66 -2.80
CA THR A 164 -5.29 -8.99 -3.25
C THR A 164 -4.34 -9.06 -2.07
N LEU A 165 -4.47 -8.11 -1.15
CA LEU A 165 -3.61 -8.10 0.02
C LEU A 165 -3.84 -9.36 0.84
N ARG A 166 -5.11 -9.74 0.95
CA ARG A 166 -5.44 -10.96 1.68
C ARG A 166 -4.74 -12.16 1.08
N LYS A 167 -4.79 -12.25 -0.25
CA LYS A 167 -4.14 -13.35 -0.94
C LYS A 167 -2.63 -13.34 -0.72
N LEU A 168 -2.03 -12.16 -0.81
CA LEU A 168 -0.60 -12.05 -0.62
C LEU A 168 -0.16 -12.49 0.75
N LEU A 169 -0.86 -12.03 1.77
CA LEU A 169 -0.50 -12.28 3.16
C LEU A 169 -0.92 -13.63 3.70
N THR A 170 -1.91 -14.27 3.11
CA THR A 170 -2.38 -15.51 3.68
C THR A 170 -2.56 -16.63 2.68
N GLY A 171 -2.40 -16.35 1.41
CA GLY A 171 -2.59 -17.36 0.40
C GLY A 171 -1.37 -18.24 0.19
N GLU A 172 -1.52 -19.21 -0.72
CA GLU A 172 -0.43 -20.11 -1.05
C GLU A 172 0.49 -19.50 -2.10
N LEU A 173 0.19 -18.27 -2.50
CA LEU A 173 0.96 -17.54 -3.50
C LEU A 173 2.45 -17.52 -3.20
N LEU A 174 2.77 -17.06 -2.01
CA LEU A 174 4.16 -16.98 -1.58
C LEU A 174 4.39 -18.04 -0.54
N THR A 175 5.66 -18.39 -0.38
CA THR A 175 6.05 -19.32 0.65
C THR A 175 5.82 -18.62 1.97
N LEU A 176 5.77 -19.39 3.03
CA LEU A 176 5.58 -18.79 4.33
C LEU A 176 6.68 -17.80 4.65
N ALA A 177 7.92 -18.22 4.38
CA ALA A 177 9.05 -17.34 4.65
C ALA A 177 8.90 -15.99 3.95
N SER A 178 8.44 -15.99 2.71
CA SER A 178 8.27 -14.76 1.97
C SER A 178 7.07 -13.95 2.48
N ARG A 179 6.04 -14.67 2.89
CA ARG A 179 4.87 -13.98 3.44
C ARG A 179 5.30 -13.17 4.66
N GLN A 180 6.01 -13.86 5.55
CA GLN A 180 6.49 -13.22 6.74
C GLN A 180 7.39 -12.04 6.45
N GLN A 181 8.25 -12.18 5.45
CA GLN A 181 9.13 -11.09 5.10
C GLN A 181 8.33 -9.87 4.69
N LEU A 182 7.29 -10.08 3.88
CA LEU A 182 6.45 -9.00 3.43
C LEU A 182 5.77 -8.32 4.62
N ILE A 183 5.22 -9.15 5.52
CA ILE A 183 4.56 -8.64 6.71
C ILE A 183 5.54 -7.87 7.58
N ASP A 184 6.73 -8.42 7.72
CA ASP A 184 7.73 -7.74 8.51
C ASP A 184 8.04 -6.35 7.94
N TRP A 185 8.08 -6.24 6.61
CA TRP A 185 8.36 -4.95 6.03
C TRP A 185 7.25 -3.95 6.32
N MET A 186 6.01 -4.43 6.17
CA MET A 186 4.84 -3.62 6.42
C MET A 186 4.69 -3.24 7.89
N GLU A 187 5.09 -4.13 8.78
CA GLU A 187 5.03 -3.81 10.20
C GLU A 187 6.04 -2.71 10.54
N ALA A 188 7.14 -2.70 9.81
CA ALA A 188 8.19 -1.72 10.05
C ALA A 188 7.99 -0.38 9.36
N ASP A 189 6.83 -0.20 8.76
CA ASP A 189 6.51 1.06 8.08
C ASP A 189 6.78 2.24 9.03
N LYS A 190 7.63 3.21 8.64
CA LYS A 190 8.05 4.34 9.45
C LYS A 190 7.42 5.68 9.09
N VAL A 191 6.71 5.76 7.98
CA VAL A 191 6.18 7.05 7.58
C VAL A 191 4.67 7.16 7.70
N ALA A 192 4.04 6.16 8.30
CA ALA A 192 2.59 6.14 8.44
C ALA A 192 2.08 6.52 9.82
N GLY A 193 2.91 7.18 10.62
CA GLY A 193 2.58 7.54 11.99
C GLY A 193 1.22 8.23 12.19
N PRO A 194 1.00 9.32 11.50
CA PRO A 194 -0.25 10.04 11.69
C PRO A 194 -1.47 9.32 11.17
N LEU A 195 -1.34 8.18 10.50
CA LEU A 195 -2.54 7.55 9.98
C LEU A 195 -3.23 6.60 10.96
N LEU A 196 -3.44 5.37 10.53
CA LEU A 196 -4.09 4.40 11.39
C LEU A 196 -3.31 4.17 12.69
N ARG A 197 -1.97 4.20 12.59
CA ARG A 197 -1.13 3.96 13.74
C ARG A 197 -1.45 4.86 14.92
N SER A 198 -1.86 6.07 14.62
CA SER A 198 -2.17 7.01 15.67
C SER A 198 -3.40 6.63 16.48
N ALA A 199 -4.27 5.81 15.91
CA ALA A 199 -5.49 5.40 16.61
C ALA A 199 -5.40 4.00 17.16
N LEU A 200 -4.29 3.33 16.87
CA LEU A 200 -4.06 1.96 17.27
C LEU A 200 -3.79 1.81 18.75
N PRO A 201 -4.52 0.91 19.40
CA PRO A 201 -4.34 0.71 20.81
C PRO A 201 -3.10 -0.10 21.08
N ALA A 202 -2.59 0.05 22.29
CA ALA A 202 -1.41 -0.66 22.70
C ALA A 202 -1.64 -2.16 22.58
N GLY A 203 -0.58 -2.84 22.18
CA GLY A 203 -0.63 -4.28 22.08
C GLY A 203 -1.23 -4.76 20.76
N TRP A 204 -1.74 -3.82 19.97
CA TRP A 204 -2.30 -4.24 18.71
C TRP A 204 -1.24 -4.41 17.65
N PHE A 205 -1.59 -5.18 16.65
CA PHE A 205 -0.70 -5.40 15.55
C PHE A 205 -1.09 -4.55 14.37
N ILE A 206 -0.09 -4.03 13.68
CA ILE A 206 -0.36 -3.30 12.46
C ILE A 206 0.74 -3.47 11.43
N ALA A 207 0.34 -3.81 10.21
CA ALA A 207 1.22 -3.89 9.05
C ALA A 207 0.55 -3.05 7.98
N ASP A 208 1.22 -1.99 7.57
CA ASP A 208 0.59 -1.09 6.65
C ASP A 208 1.50 -0.49 5.60
N LYS A 209 0.86 0.30 4.76
CA LYS A 209 1.54 1.03 3.70
C LYS A 209 0.67 2.20 3.28
N SER A 210 1.24 3.39 3.42
CA SER A 210 0.56 4.61 3.10
C SER A 210 0.96 5.09 1.72
N GLY A 211 0.30 6.16 1.33
CA GLY A 211 0.61 6.74 0.05
C GLY A 211 -0.04 8.09 -0.06
N ALA A 212 0.55 8.93 -0.88
CA ALA A 212 0.02 10.25 -1.13
C ALA A 212 0.33 10.58 -2.57
N GLY A 213 -0.51 11.39 -3.16
CA GLY A 213 -0.27 11.75 -4.54
C GLY A 213 -0.81 13.14 -4.84
N GLU A 214 -0.89 13.46 -6.11
CA GLU A 214 -1.42 14.75 -6.48
C GLU A 214 -2.93 14.80 -6.31
N ARG A 215 -3.49 16.00 -6.34
CA ARG A 215 -4.92 16.18 -6.26
C ARG A 215 -5.56 15.64 -4.98
N GLY A 216 -4.88 15.85 -3.86
CA GLY A 216 -5.34 15.48 -2.55
C GLY A 216 -5.39 13.98 -2.31
N SER A 217 -4.76 13.22 -3.21
CA SER A 217 -4.73 11.77 -3.07
C SER A 217 -3.99 11.34 -1.80
N ARG A 218 -4.59 10.41 -1.08
CA ARG A 218 -4.03 9.89 0.15
C ARG A 218 -4.63 8.52 0.35
N GLY A 219 -3.88 7.60 0.92
CA GLY A 219 -4.44 6.29 1.11
C GLY A 219 -3.59 5.45 2.04
N ILE A 220 -4.17 4.34 2.47
CA ILE A 220 -3.47 3.42 3.33
C ILE A 220 -4.10 2.04 3.20
N ILE A 221 -3.24 1.03 3.24
CA ILE A 221 -3.64 -0.36 3.25
C ILE A 221 -3.06 -0.94 4.52
N ALA A 222 -3.80 -1.79 5.21
CA ALA A 222 -3.26 -2.30 6.44
C ALA A 222 -3.89 -3.60 6.84
N ALA A 223 -3.11 -4.38 7.59
CA ALA A 223 -3.59 -5.61 8.19
C ALA A 223 -3.39 -5.32 9.66
N LEU A 224 -4.45 -5.39 10.45
CA LEU A 224 -4.34 -5.04 11.86
C LEU A 224 -5.22 -5.92 12.73
N GLY A 225 -4.99 -5.88 14.03
CA GLY A 225 -5.79 -6.67 14.94
C GLY A 225 -5.24 -6.57 16.35
N PRO A 226 -6.03 -7.01 17.33
CA PRO A 226 -5.60 -6.96 18.70
C PRO A 226 -4.64 -8.10 19.02
N ASP A 227 -4.13 -8.06 20.25
CA ASP A 227 -3.24 -9.08 20.77
C ASP A 227 -2.17 -9.56 19.80
N GLY A 228 -1.46 -8.58 19.25
CA GLY A 228 -0.34 -8.75 18.35
C GLY A 228 -0.53 -9.68 17.16
N LYS A 229 -1.75 -9.77 16.65
CA LYS A 229 -1.99 -10.63 15.49
C LYS A 229 -2.96 -9.91 14.57
N PRO A 230 -2.78 -10.00 13.25
CA PRO A 230 -3.71 -9.32 12.35
C PRO A 230 -4.96 -10.14 12.16
N SER A 231 -6.10 -9.49 12.01
CA SER A 231 -7.32 -10.23 11.82
C SER A 231 -8.24 -9.60 10.79
N ARG A 232 -7.91 -8.37 10.40
CA ARG A 232 -8.66 -7.68 9.40
C ARG A 232 -7.76 -6.85 8.49
N ILE A 233 -8.26 -6.63 7.30
CA ILE A 233 -7.59 -5.80 6.35
C ILE A 233 -8.46 -4.57 6.18
N VAL A 234 -7.81 -3.42 6.20
CA VAL A 234 -8.49 -2.16 6.02
C VAL A 234 -7.81 -1.42 4.90
N VAL A 235 -8.62 -0.90 4.00
CA VAL A 235 -8.14 -0.14 2.87
C VAL A 235 -8.87 1.18 2.83
N ILE A 236 -8.12 2.26 2.76
CA ILE A 236 -8.75 3.55 2.69
C ILE A 236 -8.07 4.38 1.65
N TYR A 237 -8.85 4.88 0.70
CA TYR A 237 -8.34 5.76 -0.32
C TYR A 237 -9.20 6.99 -0.42
N THR A 238 -8.56 8.06 -0.82
CA THR A 238 -9.24 9.31 -1.10
C THR A 238 -8.50 10.06 -2.18
N THR A 239 -9.24 10.80 -2.98
CA THR A 239 -8.62 11.61 -4.01
C THR A 239 -9.55 12.74 -4.40
N GLY A 240 -8.99 13.88 -4.80
CA GLY A 240 -9.78 15.02 -5.21
C GLY A 240 -9.87 16.13 -4.17
N SER A 241 -9.45 15.88 -2.93
CA SER A 241 -9.55 16.93 -1.93
C SER A 241 -8.57 18.07 -2.11
N GLN A 242 -8.99 19.26 -1.69
CA GLN A 242 -8.11 20.42 -1.75
C GLN A 242 -7.51 20.62 -0.38
N ALA A 243 -7.93 19.75 0.53
CA ALA A 243 -7.49 19.84 1.90
C ALA A 243 -6.00 19.62 2.04
N THR A 244 -5.45 20.12 3.15
CA THR A 244 -4.05 19.98 3.42
C THR A 244 -3.71 18.56 3.81
N MET A 245 -2.43 18.22 3.68
CA MET A 245 -1.96 16.92 4.10
C MET A 245 -2.43 16.57 5.51
N ASP A 246 -2.25 17.50 6.45
CA ASP A 246 -2.66 17.31 7.84
C ASP A 246 -4.13 17.00 7.96
N GLU A 247 -4.96 17.72 7.17
CA GLU A 247 -6.39 17.52 7.16
C GLU A 247 -6.74 16.12 6.70
N ARG A 248 -6.03 15.66 5.67
CA ARG A 248 -6.25 14.33 5.14
C ARG A 248 -5.81 13.26 6.12
N ASN A 249 -4.68 13.48 6.76
CA ASN A 249 -4.21 12.52 7.73
C ASN A 249 -5.20 12.37 8.86
N ARG A 250 -5.69 13.52 9.36
CA ARG A 250 -6.61 13.51 10.48
C ARG A 250 -7.88 12.73 10.17
N GLN A 251 -8.42 12.91 8.97
CA GLN A 251 -9.63 12.20 8.62
C GLN A 251 -9.38 10.69 8.57
N ILE A 252 -8.22 10.31 8.04
CA ILE A 252 -7.94 8.90 7.97
C ILE A 252 -7.78 8.35 9.38
N ALA A 253 -7.13 9.11 10.24
CA ALA A 253 -6.93 8.67 11.60
C ALA A 253 -8.25 8.55 12.35
N GLU A 254 -9.19 9.45 12.07
CA GLU A 254 -10.50 9.42 12.72
C GLU A 254 -11.31 8.23 12.21
N ILE A 255 -11.10 7.90 10.94
CA ILE A 255 -11.76 6.74 10.42
C ILE A 255 -11.25 5.53 11.18
N GLY A 256 -9.93 5.50 11.42
CA GLY A 256 -9.32 4.42 12.14
C GLY A 256 -9.84 4.33 13.57
N ALA A 257 -9.96 5.50 14.21
CA ALA A 257 -10.44 5.55 15.58
C ALA A 257 -11.82 4.90 15.68
N SER A 258 -12.66 5.20 14.70
CA SER A 258 -13.99 4.66 14.68
C SER A 258 -13.99 3.18 14.43
N LEU A 259 -13.15 2.73 13.49
CA LEU A 259 -13.12 1.31 13.24
C LEU A 259 -12.62 0.50 14.44
N ILE A 260 -11.71 1.11 15.20
CA ILE A 260 -11.17 0.49 16.38
C ILE A 260 -12.23 0.45 17.48
N LYS A 261 -12.89 1.58 17.67
CA LYS A 261 -13.91 1.71 18.68
C LYS A 261 -15.01 0.66 18.52
N HIS A 262 -15.41 0.42 17.26
CA HIS A 262 -16.49 -0.50 16.91
C HIS A 262 -16.01 -1.90 16.57
N TRP A 263 -14.76 -2.18 16.90
CA TRP A 263 -14.18 -3.48 16.58
C TRP A 263 -15.08 -4.64 17.01
O8 PNM B . 2.49 7.48 -2.28
C7 PNM B . 3.66 7.37 -2.48
N4 PNM B . 4.33 7.98 -0.39
C3 PNM B . 3.89 8.88 0.67
C11 PNM B . 3.33 8.13 1.90
O13 PNM B . 2.73 8.81 2.75
O12 PNM B . 3.74 6.98 2.11
C2 PNM B . 5.08 9.84 0.96
C10 PNM B . 4.59 11.26 1.25
C9 PNM B . 5.96 9.34 2.09
S1 PNM B . 6.07 9.90 -0.59
C5 PNM B . 5.52 8.31 -1.22
C6 PNM B . 4.77 8.44 -2.58
N14 PNM B . 4.06 9.66 -2.84
C15 PNM B . 4.58 10.70 -3.53
O16 PNM B . 5.74 10.70 -3.92
C17 PNM B . 3.53 11.47 -4.31
C18 PNM B . 3.29 12.91 -3.84
C19 PNM B . 3.07 13.90 -4.78
C20 PNM B . 2.86 15.21 -4.37
C21 PNM B . 2.81 15.52 -3.00
C22 PNM B . 2.99 14.54 -2.09
C23 PNM B . 3.22 13.24 -2.47
#